data_4HEQ
#
_entry.id   4HEQ
#
_cell.length_a   50.198
_cell.length_b   60.366
_cell.length_c   76.246
_cell.angle_alpha   90.00
_cell.angle_beta   90.00
_cell.angle_gamma   90.00
#
_symmetry.space_group_name_H-M   'P 21 21 21'
#
loop_
_entity.id
_entity.type
_entity.pdbx_description
1 polymer Flavodoxin
2 non-polymer 'FLAVIN MONONUCLEOTIDE'
3 water water
#
_entity_poly.entity_id   1
_entity_poly.type   'polypeptide(L)'
_entity_poly.pdbx_seq_one_letter_code
;MPKALIVYGSTTGNTEGVAEAIAKTLNSEGMETTVVNVADVTAPGLAEGYDVVLLGCSTWGDDEIELQEDFVPLYEDLDR
AGLKDKKVGVFGCGDSSYTYFCGAVDVIEKKAEELGATLVASSLKIDGEPDSAEVLDWAREVLARV
;
_entity_poly.pdbx_strand_id   A,B
#
loop_
_chem_comp.id
_chem_comp.type
_chem_comp.name
_chem_comp.formula
FMN non-polymer 'FLAVIN MONONUCLEOTIDE' 'C17 H21 N4 O9 P'
#
# COMPACT_ATOMS: atom_id res chain seq x y z
N PRO A 2 -23.50 -9.25 15.71
CA PRO A 2 -22.43 -8.30 15.37
C PRO A 2 -22.79 -7.44 14.22
N LYS A 3 -22.08 -6.30 14.12
CA LYS A 3 -22.45 -5.30 13.14
C LYS A 3 -21.26 -5.04 12.18
N ALA A 4 -21.54 -5.01 10.90
CA ALA A 4 -20.53 -4.79 9.86
C ALA A 4 -20.92 -3.49 9.15
N LEU A 5 -19.94 -2.57 8.94
CA LEU A 5 -20.10 -1.41 8.07
C LEU A 5 -19.37 -1.67 6.79
N ILE A 6 -20.02 -1.49 5.64
CA ILE A 6 -19.39 -1.56 4.34
C ILE A 6 -19.51 -0.21 3.73
N VAL A 7 -18.39 0.49 3.50
CA VAL A 7 -18.34 1.86 3.01
C VAL A 7 -17.71 1.77 1.62
N TYR A 8 -18.32 2.22 0.54
CA TYR A 8 -17.73 2.06 -0.82
C TYR A 8 -17.68 3.33 -1.58
N GLY A 9 -16.65 3.39 -2.43
CA GLY A 9 -16.53 4.48 -3.47
C GLY A 9 -16.61 3.79 -4.81
N SER A 10 -17.59 4.25 -5.62
CA SER A 10 -17.84 3.61 -6.92
C SER A 10 -18.38 4.63 -7.90
N THR A 11 -17.77 4.74 -9.07
CA THR A 11 -18.27 5.69 -10.08
C THR A 11 -19.18 5.06 -11.10
N THR A 12 -18.97 3.81 -11.42
CA THR A 12 -19.89 3.11 -12.41
C THR A 12 -20.66 1.97 -11.84
N GLY A 13 -20.57 1.78 -10.52
CA GLY A 13 -21.41 0.83 -9.81
C GLY A 13 -20.80 -0.52 -9.59
N ASN A 14 -19.56 -0.73 -10.04
CA ASN A 14 -18.96 -2.04 -9.88
C ASN A 14 -18.61 -2.42 -8.46
N THR A 15 -17.95 -1.48 -7.77
CA THR A 15 -17.57 -1.75 -6.36
C THR A 15 -18.80 -1.66 -5.49
N GLU A 16 -19.76 -0.83 -5.92
CA GLU A 16 -21.08 -0.85 -5.23
C GLU A 16 -21.76 -2.24 -5.27
N GLY A 17 -21.74 -2.82 -6.45
CA GLY A 17 -22.36 -4.16 -6.61
C GLY A 17 -21.60 -5.19 -5.78
N VAL A 18 -20.28 -5.07 -5.64
CA VAL A 18 -19.49 -5.98 -4.81
C VAL A 18 -19.85 -5.80 -3.37
N ALA A 19 -19.95 -4.53 -2.96
CA ALA A 19 -20.41 -4.19 -1.58
C ALA A 19 -21.74 -4.88 -1.27
N GLU A 20 -22.68 -4.80 -2.20
CA GLU A 20 -24.05 -5.43 -2.02
C GLU A 20 -23.85 -6.95 -1.91
N ALA A 21 -23.03 -7.56 -2.73
CA ALA A 21 -22.87 -9.03 -2.72
C ALA A 21 -22.23 -9.51 -1.40
N ILE A 22 -21.24 -8.78 -0.89
CA ILE A 22 -20.67 -9.07 0.40
C ILE A 22 -21.66 -8.93 1.52
N ALA A 23 -22.42 -7.84 1.48
CA ALA A 23 -23.45 -7.59 2.48
C ALA A 23 -24.48 -8.76 2.51
N LYS A 24 -24.90 -9.24 1.35
CA LYS A 24 -25.87 -10.40 1.30
C LYS A 24 -25.32 -11.57 2.09
N THR A 25 -24.06 -11.89 1.84
CA THR A 25 -23.43 -13.01 2.55
C THR A 25 -23.41 -12.80 4.05
N LEU A 26 -22.89 -11.60 4.47
CA LEU A 26 -22.77 -11.29 5.87
C LEU A 26 -24.11 -11.33 6.56
N ASN A 27 -25.12 -10.74 5.91
CA ASN A 27 -26.49 -10.69 6.50
C ASN A 27 -27.05 -12.15 6.58
N SER A 28 -26.80 -12.98 5.54
CA SER A 28 -27.33 -14.38 5.60
C SER A 28 -26.66 -15.17 6.71
N GLU A 29 -25.42 -14.80 7.09
CA GLU A 29 -24.65 -15.44 8.18
C GLU A 29 -24.93 -14.76 9.54
N GLY A 30 -25.94 -13.90 9.64
CA GLY A 30 -26.32 -13.34 10.95
C GLY A 30 -25.78 -12.01 11.39
N MET A 31 -25.02 -11.36 10.52
CA MET A 31 -24.55 -9.99 10.83
C MET A 31 -25.62 -8.98 10.52
N GLU A 32 -25.60 -7.86 11.21
CA GLU A 32 -26.40 -6.73 10.83
C GLU A 32 -25.45 -5.82 10.01
N THR A 33 -25.75 -5.71 8.74
CA THR A 33 -24.81 -4.97 7.84
C THR A 33 -25.35 -3.62 7.45
N THR A 34 -24.55 -2.60 7.61
CA THR A 34 -24.94 -1.25 7.11
C THR A 34 -24.12 -0.98 5.85
N VAL A 35 -24.71 -0.69 4.72
CA VAL A 35 -24.01 -0.40 3.50
C VAL A 35 -24.15 1.04 3.20
N VAL A 36 -23.07 1.74 2.96
CA VAL A 36 -23.15 3.17 2.70
C VAL A 36 -22.21 3.56 1.60
N ASN A 37 -22.64 4.47 0.76
CA ASN A 37 -21.76 5.10 -0.22
C ASN A 37 -20.94 6.15 0.47
N VAL A 38 -19.62 6.07 0.27
CA VAL A 38 -18.71 7.02 0.88
C VAL A 38 -19.03 8.48 0.50
N ALA A 39 -19.70 8.71 -0.65
CA ALA A 39 -20.15 10.08 -1.00
C ALA A 39 -21.06 10.66 0.08
N ASP A 40 -21.71 9.84 0.86
CA ASP A 40 -22.75 10.34 1.81
C ASP A 40 -22.21 10.49 3.23
N VAL A 41 -20.96 10.14 3.53
CA VAL A 41 -20.49 10.11 4.91
C VAL A 41 -19.42 11.15 5.08
N THR A 42 -19.12 11.50 6.35
CA THR A 42 -17.90 12.18 6.71
C THR A 42 -17.06 11.30 7.66
N ALA A 43 -15.75 11.47 7.67
CA ALA A 43 -14.85 10.59 8.36
C ALA A 43 -15.05 10.45 9.88
N PRO A 44 -15.28 11.59 10.61
CA PRO A 44 -15.16 11.50 12.07
C PRO A 44 -16.05 10.50 12.71
N GLY A 45 -15.44 9.55 13.42
CA GLY A 45 -16.24 8.55 14.11
C GLY A 45 -16.95 7.49 13.26
N LEU A 46 -16.63 7.45 11.96
CA LEU A 46 -17.33 6.51 11.05
C LEU A 46 -17.39 5.09 11.58
N ALA A 47 -16.29 4.58 12.13
CA ALA A 47 -16.22 3.16 12.49
C ALA A 47 -16.83 2.84 13.84
N GLU A 48 -17.24 3.86 14.57
CA GLU A 48 -17.62 3.60 15.97
C GLU A 48 -18.86 2.76 16.07
N GLY A 49 -18.74 1.73 16.93
CA GLY A 49 -19.78 0.74 17.14
C GLY A 49 -19.83 -0.43 16.21
N TYR A 50 -18.94 -0.48 15.18
CA TYR A 50 -18.96 -1.65 14.30
C TYR A 50 -17.95 -2.63 14.73
N ASP A 51 -18.28 -3.92 14.53
CA ASP A 51 -17.34 -5.01 14.86
C ASP A 51 -16.34 -5.21 13.75
N VAL A 52 -16.72 -4.86 12.51
CA VAL A 52 -15.80 -4.92 11.39
C VAL A 52 -16.22 -3.85 10.43
N VAL A 53 -15.21 -3.25 9.77
CA VAL A 53 -15.41 -2.20 8.75
C VAL A 53 -14.80 -2.67 7.49
N LEU A 54 -15.53 -2.71 6.39
CA LEU A 54 -15.02 -3.08 5.10
C LEU A 54 -14.98 -1.85 4.23
N LEU A 55 -13.81 -1.51 3.70
CA LEU A 55 -13.57 -0.29 2.89
C LEU A 55 -13.43 -0.70 1.46
N GLY A 56 -14.35 -0.25 0.60
CA GLY A 56 -14.34 -0.65 -0.84
C GLY A 56 -14.03 0.57 -1.70
N CYS A 57 -13.12 0.42 -2.66
CA CYS A 57 -12.81 1.56 -3.47
C CYS A 57 -12.24 1.11 -4.78
N SER A 58 -12.78 1.65 -5.91
CA SER A 58 -12.22 1.39 -7.19
C SER A 58 -10.96 2.24 -7.47
N THR A 59 -10.22 1.86 -8.51
CA THR A 59 -8.99 2.58 -8.94
C THR A 59 -9.26 3.30 -10.21
N TRP A 60 -9.05 4.61 -10.21
CA TRP A 60 -9.31 5.43 -11.34
C TRP A 60 -7.99 6.10 -11.66
N GLY A 61 -8.12 7.29 -12.28
CA GLY A 61 -6.96 8.10 -12.69
C GLY A 61 -6.58 7.78 -14.12
N ASP A 62 -6.67 8.85 -14.93
CA ASP A 62 -6.46 8.86 -16.38
C ASP A 62 -5.09 8.36 -16.70
N ASP A 63 -4.08 8.76 -15.91
CA ASP A 63 -2.71 8.49 -16.24
C ASP A 63 -2.04 7.53 -15.22
N GLU A 64 -2.41 7.72 -13.96
CA GLU A 64 -1.68 7.10 -12.81
C GLU A 64 -2.68 6.43 -11.79
N ILE A 65 -2.28 6.42 -10.49
CA ILE A 65 -3.27 5.87 -9.49
C ILE A 65 -4.08 7.01 -8.89
N GLU A 66 -5.38 6.93 -8.96
CA GLU A 66 -6.26 7.78 -8.18
C GLU A 66 -7.22 6.94 -7.45
N LEU A 67 -7.58 7.25 -6.21
CA LEU A 67 -8.75 6.66 -5.61
C LEU A 67 -10.02 7.19 -6.32
N GLN A 68 -11.02 6.35 -6.34
CA GLN A 68 -12.36 6.78 -6.72
C GLN A 68 -12.67 8.09 -5.97
N GLU A 69 -13.21 9.08 -6.68
CA GLU A 69 -13.25 10.45 -6.18
C GLU A 69 -13.98 10.68 -4.90
N ASP A 70 -15.04 9.92 -4.64
CA ASP A 70 -15.74 10.14 -3.38
C ASP A 70 -14.96 9.60 -2.18
N PHE A 71 -14.05 8.65 -2.43
CA PHE A 71 -13.30 8.02 -1.33
C PHE A 71 -12.19 8.93 -0.91
N VAL A 72 -11.67 9.77 -1.76
CA VAL A 72 -10.49 10.59 -1.45
C VAL A 72 -10.60 11.32 -0.13
N PRO A 73 -11.70 12.04 0.17
CA PRO A 73 -11.76 12.77 1.43
C PRO A 73 -11.80 11.84 2.62
N LEU A 74 -12.40 10.66 2.53
CA LEU A 74 -12.35 9.71 3.62
C LEU A 74 -10.88 9.25 3.82
N TYR A 75 -10.19 8.93 2.76
CA TYR A 75 -8.77 8.51 2.86
C TYR A 75 -7.97 9.63 3.52
N GLU A 76 -8.16 10.87 3.10
CA GLU A 76 -7.38 11.96 3.60
C GLU A 76 -7.62 12.15 5.09
N ASP A 77 -8.82 11.92 5.60
CA ASP A 77 -9.14 12.11 7.00
C ASP A 77 -9.37 10.78 7.72
N LEU A 78 -8.75 9.71 7.24
CA LEU A 78 -9.02 8.40 7.76
C LEU A 78 -8.60 8.31 9.22
N ASP A 79 -7.63 9.12 9.58
CA ASP A 79 -7.20 9.18 10.99
C ASP A 79 -8.27 9.56 11.97
N ARG A 80 -9.39 10.14 11.52
CA ARG A 80 -10.48 10.53 12.39
C ARG A 80 -11.56 9.46 12.46
N ALA A 81 -11.47 8.37 11.69
CA ALA A 81 -12.56 7.44 11.51
C ALA A 81 -12.69 6.39 12.63
N GLY A 82 -11.77 6.36 13.57
CA GLY A 82 -11.83 5.39 14.72
C GLY A 82 -11.34 4.00 14.35
N LEU A 83 -10.37 3.85 13.47
CA LEU A 83 -9.90 2.54 13.09
C LEU A 83 -8.89 1.88 14.03
N LYS A 84 -8.39 2.57 15.02
CA LYS A 84 -7.42 1.95 15.96
C LYS A 84 -8.05 0.73 16.64
N ASP A 85 -7.39 -0.42 16.45
CA ASP A 85 -7.85 -1.72 17.07
C ASP A 85 -9.11 -2.19 16.42
N LYS A 86 -9.52 -1.67 15.29
CA LYS A 86 -10.75 -2.10 14.62
C LYS A 86 -10.40 -3.16 13.62
N LYS A 87 -11.22 -4.17 13.47
CA LYS A 87 -11.08 -5.18 12.40
C LYS A 87 -11.52 -4.51 11.06
N VAL A 88 -10.64 -4.53 10.05
CA VAL A 88 -10.89 -3.87 8.80
C VAL A 88 -10.57 -4.84 7.65
N GLY A 89 -11.32 -4.80 6.55
CA GLY A 89 -10.96 -5.43 5.35
C GLY A 89 -11.06 -4.45 4.23
N VAL A 90 -10.21 -4.57 3.22
CA VAL A 90 -10.22 -3.63 2.08
C VAL A 90 -10.51 -4.39 0.82
N PHE A 91 -11.38 -3.84 -0.04
CA PHE A 91 -11.64 -4.47 -1.31
C PHE A 91 -11.82 -3.38 -2.36
N GLY A 92 -11.79 -3.79 -3.61
CA GLY A 92 -11.96 -2.80 -4.62
C GLY A 92 -11.95 -3.40 -6.02
N CYS A 93 -12.55 -2.71 -6.96
CA CYS A 93 -12.50 -3.07 -8.36
C CYS A 93 -11.39 -2.37 -9.13
N GLY A 94 -10.92 -3.06 -10.16
CA GLY A 94 -9.93 -2.49 -11.04
C GLY A 94 -9.81 -3.31 -12.32
N ASP A 95 -8.65 -3.30 -12.92
CA ASP A 95 -8.44 -3.96 -14.22
C ASP A 95 -6.97 -4.21 -14.35
N SER A 96 -6.59 -5.51 -14.46
CA SER A 96 -5.19 -5.88 -14.42
C SER A 96 -4.47 -5.56 -15.73
N SER A 97 -5.17 -4.97 -16.69
CA SER A 97 -4.51 -4.36 -17.91
C SER A 97 -3.72 -3.16 -17.52
N TYR A 98 -4.06 -2.51 -16.34
CA TYR A 98 -3.34 -1.32 -15.87
C TYR A 98 -2.09 -1.68 -15.07
N THR A 99 -1.14 -0.76 -15.13
CA THR A 99 0.11 -0.95 -14.39
C THR A 99 -0.10 -1.25 -12.86
N TYR A 100 -1.00 -0.45 -12.26
CA TYR A 100 -1.25 -0.44 -10.83
C TYR A 100 -2.60 -1.06 -10.65
N PHE A 101 -2.63 -2.37 -10.62
CA PHE A 101 -3.87 -3.14 -10.57
C PHE A 101 -4.51 -2.93 -9.18
N CYS A 102 -5.69 -2.31 -9.14
CA CYS A 102 -6.30 -1.94 -7.82
C CYS A 102 -5.34 -1.22 -6.91
N GLY A 103 -4.56 -0.31 -7.50
CA GLY A 103 -3.68 0.48 -6.60
C GLY A 103 -4.40 1.22 -5.50
N ALA A 104 -5.66 1.60 -5.61
CA ALA A 104 -6.36 2.25 -4.48
C ALA A 104 -6.45 1.31 -3.30
N VAL A 105 -6.61 0.00 -3.52
CA VAL A 105 -6.65 -0.98 -2.40
C VAL A 105 -5.33 -0.98 -1.67
N ASP A 106 -4.20 -0.95 -2.40
CA ASP A 106 -2.86 -0.91 -1.80
C ASP A 106 -2.74 0.25 -0.85
N VAL A 107 -3.12 1.41 -1.34
CA VAL A 107 -2.95 2.63 -0.61
C VAL A 107 -3.86 2.65 0.67
N ILE A 108 -5.12 2.26 0.52
CA ILE A 108 -6.05 2.27 1.65
C ILE A 108 -5.63 1.24 2.69
N GLU A 109 -5.22 0.05 2.25
CA GLU A 109 -4.76 -1.00 3.17
C GLU A 109 -3.59 -0.51 4.01
N LYS A 110 -2.58 0.10 3.36
CA LYS A 110 -1.42 0.56 4.09
C LYS A 110 -1.75 1.61 5.09
N LYS A 111 -2.64 2.53 4.75
CA LYS A 111 -3.02 3.55 5.69
C LYS A 111 -3.78 2.97 6.88
N ALA A 112 -4.71 2.05 6.62
CA ALA A 112 -5.47 1.45 7.72
C ALA A 112 -4.53 0.79 8.69
N GLU A 113 -3.50 0.08 8.23
CA GLU A 113 -2.53 -0.50 9.18
C GLU A 113 -1.71 0.51 9.87
N GLU A 114 -1.27 1.57 9.22
CA GLU A 114 -0.58 2.65 10.00
C GLU A 114 -1.43 3.24 11.07
N LEU A 115 -2.75 3.25 10.89
CA LEU A 115 -3.68 3.83 11.87
C LEU A 115 -4.04 2.81 12.95
N GLY A 116 -3.46 1.63 12.93
CA GLY A 116 -3.66 0.63 13.99
C GLY A 116 -4.73 -0.34 13.77
N ALA A 117 -5.31 -0.38 12.57
CA ALA A 117 -6.42 -1.36 12.30
C ALA A 117 -5.85 -2.74 12.22
N THR A 118 -6.66 -3.75 12.45
CA THR A 118 -6.26 -5.16 12.27
C THR A 118 -6.88 -5.57 10.92
N LEU A 119 -6.10 -5.98 9.96
CA LEU A 119 -6.64 -6.47 8.69
C LEU A 119 -7.14 -7.87 8.86
N VAL A 120 -8.40 -8.09 8.63
CA VAL A 120 -9.03 -9.38 8.93
C VAL A 120 -8.74 -10.41 7.82
N ALA A 121 -8.32 -9.97 6.67
CA ALA A 121 -8.08 -10.85 5.51
C ALA A 121 -7.22 -10.15 4.55
N SER A 122 -6.43 -10.84 3.74
CA SER A 122 -5.73 -10.22 2.65
C SER A 122 -6.72 -9.42 1.79
N SER A 123 -6.31 -8.27 1.26
CA SER A 123 -7.29 -7.39 0.54
C SER A 123 -7.75 -8.04 -0.72
N LEU A 124 -8.99 -7.73 -1.09
CA LEU A 124 -9.68 -8.28 -2.26
C LEU A 124 -9.55 -7.35 -3.42
N LYS A 125 -8.86 -7.78 -4.47
CA LYS A 125 -8.67 -7.03 -5.71
C LYS A 125 -9.49 -7.69 -6.82
N ILE A 126 -10.49 -7.03 -7.33
CA ILE A 126 -11.41 -7.54 -8.36
C ILE A 126 -10.97 -7.10 -9.74
N ASP A 127 -10.70 -8.02 -10.64
CA ASP A 127 -10.29 -7.76 -11.99
C ASP A 127 -11.48 -7.75 -12.97
N GLY A 128 -11.84 -6.61 -13.50
CA GLY A 128 -12.96 -6.54 -14.47
C GLY A 128 -14.29 -6.88 -13.80
N GLU A 129 -15.10 -7.71 -14.47
CA GLU A 129 -16.39 -8.07 -13.90
C GLU A 129 -16.26 -8.99 -12.67
N PRO A 130 -16.84 -8.61 -11.53
CA PRO A 130 -16.66 -9.43 -10.34
C PRO A 130 -17.08 -10.90 -10.47
N ASP A 131 -16.26 -11.82 -9.98
CA ASP A 131 -16.54 -13.24 -9.88
C ASP A 131 -17.20 -13.50 -8.54
N SER A 132 -18.38 -14.12 -8.54
CA SER A 132 -19.16 -14.32 -7.33
C SER A 132 -18.42 -15.24 -6.38
N ALA A 133 -17.70 -16.25 -6.87
CA ALA A 133 -16.96 -17.13 -5.99
C ALA A 133 -15.78 -16.40 -5.24
N GLU A 134 -15.08 -15.57 -5.96
CA GLU A 134 -14.01 -14.81 -5.32
C GLU A 134 -14.54 -13.87 -4.19
N VAL A 135 -15.68 -13.25 -4.44
CA VAL A 135 -16.32 -12.31 -3.52
C VAL A 135 -16.77 -13.13 -2.31
N LEU A 136 -17.45 -14.26 -2.60
CA LEU A 136 -17.96 -15.09 -1.50
C LEU A 136 -16.85 -15.63 -0.64
N ASP A 137 -15.76 -16.09 -1.24
CA ASP A 137 -14.63 -16.60 -0.46
C ASP A 137 -14.11 -15.52 0.52
N TRP A 138 -14.04 -14.28 0.05
CA TRP A 138 -13.55 -13.14 0.86
C TRP A 138 -14.52 -12.84 1.94
N ALA A 139 -15.81 -12.75 1.62
CA ALA A 139 -16.77 -12.53 2.65
C ALA A 139 -16.69 -13.60 3.76
N ARG A 140 -16.49 -14.86 3.37
CA ARG A 140 -16.38 -15.90 4.38
C ARG A 140 -15.07 -15.75 5.23
N GLU A 141 -14.01 -15.29 4.64
CA GLU A 141 -12.77 -14.99 5.39
C GLU A 141 -13.10 -13.92 6.40
N VAL A 142 -13.82 -12.85 6.01
CA VAL A 142 -14.18 -11.82 6.93
C VAL A 142 -15.07 -12.31 8.05
N LEU A 143 -16.11 -13.09 7.70
CA LEU A 143 -17.03 -13.58 8.73
C LEU A 143 -16.32 -14.44 9.80
N ALA A 144 -15.39 -15.26 9.40
CA ALA A 144 -14.61 -16.13 10.33
C ALA A 144 -13.75 -15.31 11.28
N ARG A 145 -13.42 -14.05 10.96
CA ARG A 145 -12.66 -13.20 11.88
C ARG A 145 -13.51 -12.30 12.80
N VAL A 146 -14.81 -12.26 12.62
CA VAL A 146 -15.68 -11.35 13.43
C VAL A 146 -15.82 -11.86 14.87
N PRO B 2 27.31 -9.61 5.27
CA PRO B 2 26.18 -9.58 4.34
C PRO B 2 26.29 -8.39 3.31
N LYS B 3 25.50 -8.50 2.22
CA LYS B 3 25.50 -7.46 1.17
C LYS B 3 24.14 -6.88 1.04
N ALA B 4 24.08 -5.58 0.79
CA ALA B 4 22.81 -4.90 0.54
C ALA B 4 22.89 -4.17 -0.78
N LEU B 5 21.73 -4.10 -1.44
CA LEU B 5 21.54 -3.24 -2.64
C LEU B 5 20.50 -2.21 -2.29
N ILE B 6 20.79 -0.99 -2.63
CA ILE B 6 19.79 0.11 -2.51
C ILE B 6 19.52 0.62 -3.89
N VAL B 7 18.29 0.62 -4.34
CA VAL B 7 17.93 1.12 -5.67
C VAL B 7 16.96 2.22 -5.51
N TYR B 8 17.17 3.39 -6.14
CA TYR B 8 16.34 4.57 -5.88
C TYR B 8 15.86 5.22 -7.12
N GLY B 9 14.66 5.76 -7.06
CA GLY B 9 14.14 6.67 -8.12
C GLY B 9 13.94 8.04 -7.48
N SER B 10 14.60 9.02 -8.08
CA SER B 10 14.66 10.40 -7.51
C SER B 10 14.79 11.52 -8.54
N THR B 11 13.86 12.40 -8.61
CA THR B 11 13.96 13.51 -9.62
C THR B 11 14.80 14.66 -9.14
N THR B 12 14.63 15.05 -7.91
CA THR B 12 15.41 16.23 -7.39
C THR B 12 16.42 15.90 -6.39
N GLY B 13 16.79 14.64 -6.30
CA GLY B 13 17.89 14.21 -5.39
C GLY B 13 17.55 13.90 -4.00
N ASN B 14 16.29 14.08 -3.58
CA ASN B 14 15.96 13.85 -2.19
C ASN B 14 16.06 12.37 -1.73
N THR B 15 15.37 11.55 -2.50
CA THR B 15 15.38 10.11 -2.19
C THR B 15 16.80 9.56 -2.41
N GLU B 16 17.52 10.11 -3.41
CA GLU B 16 18.92 9.73 -3.60
C GLU B 16 19.75 10.06 -2.36
N GLY B 17 19.53 11.22 -1.75
CA GLY B 17 20.28 11.61 -0.56
C GLY B 17 19.93 10.69 0.61
N VAL B 18 18.68 10.29 0.72
CA VAL B 18 18.32 9.32 1.77
C VAL B 18 18.97 7.97 1.54
N ALA B 19 18.95 7.51 0.27
CA ALA B 19 19.66 6.27 -0.05
C ALA B 19 21.11 6.31 0.36
N GLU B 20 21.76 7.43 0.05
CA GLU B 20 23.19 7.55 0.36
C GLU B 20 23.41 7.59 1.88
N ALA B 21 22.52 8.19 2.64
CA ALA B 21 22.67 8.23 4.06
C ALA B 21 22.45 6.86 4.71
N ILE B 22 21.48 6.08 4.19
CA ILE B 22 21.24 4.68 4.62
C ILE B 22 22.50 3.90 4.34
N ALA B 23 23.02 4.03 3.14
CA ALA B 23 24.20 3.24 2.74
C ALA B 23 25.42 3.57 3.58
N LYS B 24 25.58 4.84 3.93
CA LYS B 24 26.78 5.21 4.73
C LYS B 24 26.71 4.45 6.05
N THR B 25 25.55 4.37 6.72
CA THR B 25 25.42 3.63 8.00
C THR B 25 25.68 2.13 7.75
N LEU B 26 24.98 1.55 6.74
CA LEU B 26 25.13 0.15 6.53
C LEU B 26 26.59 -0.21 6.29
N ASN B 27 27.28 0.54 5.43
CA ASN B 27 28.68 0.30 5.15
C ASN B 27 29.54 0.46 6.39
N SER B 28 29.24 1.44 7.22
CA SER B 28 30.01 1.63 8.45
C SER B 28 29.85 0.50 9.41
N GLU B 29 28.75 -0.25 9.33
CA GLU B 29 28.46 -1.39 10.20
C GLU B 29 28.69 -2.75 9.60
N GLY B 30 29.48 -2.76 8.53
CA GLY B 30 29.99 -3.95 7.88
C GLY B 30 29.07 -4.64 6.87
N MET B 31 27.96 -3.97 6.48
CA MET B 31 27.09 -4.57 5.46
C MET B 31 27.45 -3.85 4.17
N GLU B 32 28.13 -4.54 3.27
CA GLU B 32 28.62 -3.94 2.06
C GLU B 32 27.45 -3.55 1.18
N THR B 33 27.35 -2.29 0.90
CA THR B 33 26.09 -1.71 0.29
C THR B 33 26.42 -0.92 -0.96
N THR B 34 25.78 -1.30 -2.05
CA THR B 34 25.90 -0.70 -3.37
C THR B 34 24.60 0.10 -3.56
N VAL B 35 24.69 1.39 -3.84
CA VAL B 35 23.52 2.26 -4.08
C VAL B 35 23.50 2.60 -5.54
N VAL B 36 22.37 2.39 -6.23
CA VAL B 36 22.33 2.55 -7.70
C VAL B 36 21.01 3.27 -8.02
N ASN B 37 21.08 4.17 -9.00
CA ASN B 37 19.87 4.74 -9.58
C ASN B 37 19.10 3.66 -10.30
N VAL B 38 17.78 3.52 -9.99
CA VAL B 38 16.97 2.55 -10.63
C VAL B 38 16.93 2.67 -12.11
N ALA B 39 17.21 3.85 -12.66
CA ALA B 39 17.27 4.04 -14.11
C ALA B 39 18.31 3.11 -14.71
N ASP B 40 19.28 2.66 -13.97
CA ASP B 40 20.45 1.93 -14.51
C ASP B 40 20.36 0.43 -14.23
N VAL B 41 19.25 -0.08 -13.69
CA VAL B 41 19.12 -1.52 -13.45
C VAL B 41 18.01 -2.12 -14.21
N THR B 42 17.99 -3.44 -14.40
CA THR B 42 16.86 -4.12 -14.93
C THR B 42 16.50 -5.18 -13.94
N ALA B 43 15.25 -5.60 -13.94
CA ALA B 43 14.69 -6.42 -12.96
C ALA B 43 15.28 -7.82 -12.87
N PRO B 44 15.51 -8.57 -14.01
CA PRO B 44 15.76 -10.02 -13.84
C PRO B 44 16.96 -10.34 -12.92
N GLY B 45 16.63 -11.10 -11.86
CA GLY B 45 17.68 -11.50 -10.88
C GLY B 45 18.27 -10.34 -10.09
N LEU B 46 17.65 -9.16 -10.05
CA LEU B 46 18.32 -8.00 -9.45
C LEU B 46 18.62 -8.26 -7.97
N ALA B 47 17.75 -8.91 -7.26
CA ALA B 47 17.96 -9.12 -5.80
C ALA B 47 18.85 -10.29 -5.51
N GLU B 48 19.21 -11.12 -6.52
CA GLU B 48 19.95 -12.35 -6.24
C GLU B 48 21.36 -12.04 -5.83
N GLY B 49 21.80 -12.71 -4.70
CA GLY B 49 23.16 -12.41 -4.23
C GLY B 49 23.26 -11.32 -3.18
N TYR B 50 22.17 -10.55 -3.02
CA TYR B 50 22.08 -9.59 -1.90
C TYR B 50 21.31 -10.18 -0.78
N ASP B 51 21.72 -9.95 0.44
CA ASP B 51 20.95 -10.37 1.59
C ASP B 51 19.75 -9.51 1.95
N VAL B 52 19.78 -8.27 1.45
CA VAL B 52 18.62 -7.37 1.62
C VAL B 52 18.66 -6.42 0.43
N VAL B 53 17.46 -6.00 0.07
CA VAL B 53 17.31 -4.98 -1.00
C VAL B 53 16.42 -3.91 -0.43
N LEU B 54 16.86 -2.66 -0.54
CA LEU B 54 16.06 -1.49 -0.10
C LEU B 54 15.64 -0.73 -1.37
N LEU B 55 14.35 -0.51 -1.50
CA LEU B 55 13.74 0.12 -2.69
C LEU B 55 13.34 1.51 -2.27
N GLY B 56 13.83 2.54 -2.94
CA GLY B 56 13.48 3.94 -2.64
C GLY B 56 12.79 4.61 -3.78
N CYS B 57 11.72 5.35 -3.54
CA CYS B 57 11.05 6.01 -4.64
C CYS B 57 10.26 7.20 -4.14
N SER B 58 10.41 8.36 -4.75
CA SER B 58 9.55 9.53 -4.45
C SER B 58 8.20 9.44 -5.13
N THR B 59 7.25 10.30 -4.66
CA THR B 59 5.88 10.32 -5.23
C THR B 59 5.68 11.69 -5.86
N TRP B 60 5.14 11.64 -7.05
CA TRP B 60 4.89 12.83 -7.88
C TRP B 60 3.42 12.80 -8.34
N GLY B 61 3.14 13.67 -9.31
CA GLY B 61 1.79 13.61 -9.98
C GLY B 61 0.80 14.58 -9.36
N ASP B 62 0.02 15.15 -10.28
CA ASP B 62 -1.01 16.09 -9.83
C ASP B 62 -2.32 15.36 -9.47
N ASP B 63 -2.68 15.42 -8.22
CA ASP B 63 -3.88 14.79 -7.69
C ASP B 63 -3.96 13.29 -8.00
N GLU B 64 -2.81 12.62 -7.84
CA GLU B 64 -2.63 11.22 -8.23
C GLU B 64 -1.37 10.73 -7.60
N ILE B 65 -1.19 9.41 -7.52
CA ILE B 65 0.10 8.83 -7.13
C ILE B 65 0.81 8.47 -8.44
N GLU B 66 1.86 9.23 -8.74
CA GLU B 66 2.79 8.90 -9.79
C GLU B 66 4.06 8.37 -9.16
N LEU B 67 4.48 7.13 -9.42
CA LEU B 67 5.83 6.71 -9.01
C LEU B 67 6.85 7.54 -9.74
N GLN B 68 7.95 7.89 -9.11
CA GLN B 68 9.05 8.57 -9.78
C GLN B 68 9.37 7.76 -11.05
N GLU B 69 9.50 8.47 -12.17
CA GLU B 69 9.39 7.76 -13.47
C GLU B 69 10.45 6.72 -13.70
N ASP B 70 11.65 6.88 -13.17
CA ASP B 70 12.71 5.89 -13.39
C ASP B 70 12.37 4.58 -12.74
N PHE B 71 11.55 4.55 -11.70
CA PHE B 71 11.24 3.30 -10.99
C PHE B 71 10.20 2.43 -11.72
N VAL B 72 9.37 3.03 -12.56
CA VAL B 72 8.22 2.30 -13.06
C VAL B 72 8.62 0.96 -13.75
N PRO B 73 9.66 0.95 -14.61
CA PRO B 73 9.97 -0.34 -15.27
C PRO B 73 10.35 -1.41 -14.23
N LEU B 74 11.06 -1.07 -13.14
CA LEU B 74 11.37 -2.07 -12.13
C LEU B 74 10.11 -2.53 -11.45
N TYR B 75 9.16 -1.59 -11.12
CA TYR B 75 7.90 -2.00 -10.50
C TYR B 75 7.16 -2.96 -11.46
N GLU B 76 7.11 -2.67 -12.73
CA GLU B 76 6.33 -3.50 -13.68
C GLU B 76 6.88 -4.92 -13.65
N ASP B 77 8.16 -5.08 -13.66
CA ASP B 77 8.82 -6.42 -13.70
C ASP B 77 9.37 -6.85 -12.43
N LEU B 78 8.82 -6.42 -11.29
CA LEU B 78 9.44 -6.75 -10.02
C LEU B 78 9.34 -8.25 -9.73
N ASP B 79 8.32 -8.89 -10.34
CA ASP B 79 8.18 -10.36 -10.22
C ASP B 79 9.37 -11.15 -10.78
N ARG B 80 10.27 -10.50 -11.51
CA ARG B 80 11.44 -11.23 -12.09
C ARG B 80 12.71 -10.99 -11.24
N ALA B 81 12.62 -10.15 -10.18
CA ALA B 81 13.79 -9.73 -9.41
C ALA B 81 14.29 -10.75 -8.38
N GLY B 82 13.53 -11.82 -8.10
CA GLY B 82 14.07 -12.79 -7.09
C GLY B 82 13.67 -12.39 -5.70
N LEU B 83 12.51 -11.73 -5.53
CA LEU B 83 12.14 -11.26 -4.13
C LEU B 83 11.48 -12.30 -3.28
N LYS B 84 11.14 -13.47 -3.78
CA LYS B 84 10.43 -14.49 -2.95
C LYS B 84 11.37 -14.86 -1.75
N ASP B 85 10.93 -14.55 -0.51
CA ASP B 85 11.68 -14.82 0.73
C ASP B 85 12.94 -14.01 0.80
N LYS B 86 13.02 -12.91 0.05
CA LYS B 86 14.15 -12.01 0.17
C LYS B 86 13.76 -10.88 1.18
N LYS B 87 14.71 -10.48 2.00
CA LYS B 87 14.50 -9.35 2.92
C LYS B 87 14.49 -8.05 2.11
N VAL B 88 13.47 -7.29 2.33
CA VAL B 88 13.21 -6.00 1.59
C VAL B 88 12.79 -4.96 2.57
N GLY B 89 13.17 -3.70 2.27
CA GLY B 89 12.58 -2.52 2.95
C GLY B 89 12.27 -1.47 1.91
N VAL B 90 11.26 -0.66 2.15
CA VAL B 90 10.84 0.38 1.18
C VAL B 90 10.91 1.72 1.82
N PHE B 91 11.45 2.71 1.08
CA PHE B 91 11.52 4.08 1.58
C PHE B 91 11.23 5.04 0.51
N GLY B 92 11.02 6.29 0.89
CA GLY B 92 10.83 7.30 -0.17
C GLY B 92 10.55 8.67 0.41
N CYS B 93 10.81 9.70 -0.40
CA CYS B 93 10.46 11.09 0.00
C CYS B 93 9.16 11.48 -0.58
N GLY B 94 8.51 12.41 0.17
CA GLY B 94 7.28 13.03 -0.26
C GLY B 94 7.03 14.25 0.60
N ASP B 95 5.77 14.65 0.64
CA ASP B 95 5.40 15.95 1.30
C ASP B 95 3.93 15.81 1.64
N SER B 96 3.67 15.94 2.92
CA SER B 96 2.29 15.82 3.47
C SER B 96 1.33 16.93 3.08
N SER B 97 1.81 17.96 2.42
CA SER B 97 0.91 18.97 1.90
C SER B 97 0.21 18.44 0.64
N TYR B 98 0.69 17.32 0.03
CA TYR B 98 0.01 16.76 -1.14
C TYR B 98 -0.93 15.66 -0.67
N THR B 99 -1.97 15.43 -1.50
CA THR B 99 -2.85 14.29 -1.28
C THR B 99 -2.58 12.92 -0.74
N TYR B 100 -1.81 12.09 -1.45
CA TYR B 100 -1.34 10.73 -1.14
C TYR B 100 0.10 10.86 -0.70
N PHE B 101 0.32 11.17 0.56
CA PHE B 101 1.63 11.34 1.12
C PHE B 101 2.40 10.07 0.94
N CYS B 102 3.56 10.11 0.30
CA CYS B 102 4.40 8.95 0.01
C CYS B 102 3.62 7.75 -0.53
N GLY B 103 2.63 7.99 -1.35
CA GLY B 103 1.85 6.90 -1.83
C GLY B 103 2.69 5.88 -2.67
N ALA B 104 3.78 6.30 -3.33
CA ALA B 104 4.57 5.34 -4.13
C ALA B 104 5.13 4.31 -3.18
N VAL B 105 5.50 4.68 -1.96
CA VAL B 105 6.09 3.71 -1.01
C VAL B 105 5.08 2.61 -0.72
N ASP B 106 3.77 2.96 -0.53
CA ASP B 106 2.79 1.93 -0.22
C ASP B 106 2.59 1.04 -1.38
N VAL B 107 2.57 1.60 -2.61
CA VAL B 107 2.33 0.82 -3.84
C VAL B 107 3.47 -0.19 -4.04
N ILE B 108 4.71 0.26 -3.90
CA ILE B 108 5.85 -0.62 -4.09
C ILE B 108 5.91 -1.67 -2.97
N GLU B 109 5.65 -1.26 -1.75
CA GLU B 109 5.71 -2.25 -0.65
C GLU B 109 4.62 -3.32 -0.79
N LYS B 110 3.41 -2.97 -1.23
CA LYS B 110 2.40 -3.98 -1.42
C LYS B 110 2.81 -4.93 -2.51
N LYS B 111 3.37 -4.47 -3.64
CA LYS B 111 3.78 -5.41 -4.66
C LYS B 111 4.89 -6.31 -4.13
N ALA B 112 5.86 -5.78 -3.43
CA ALA B 112 6.90 -6.66 -2.83
C ALA B 112 6.27 -7.73 -1.98
N GLU B 113 5.26 -7.39 -1.16
CA GLU B 113 4.60 -8.38 -0.31
C GLU B 113 3.87 -9.41 -1.17
N GLU B 114 3.20 -9.05 -2.24
CA GLU B 114 2.49 -9.98 -3.07
C GLU B 114 3.48 -10.92 -3.75
N LEU B 115 4.71 -10.50 -3.97
CA LEU B 115 5.75 -11.28 -4.59
C LEU B 115 6.51 -12.12 -3.58
N GLY B 116 6.11 -12.12 -2.33
CA GLY B 116 6.68 -13.02 -1.33
C GLY B 116 7.85 -12.50 -0.59
N ALA B 117 8.13 -11.20 -0.72
CA ALA B 117 9.28 -10.64 0.09
C ALA B 117 8.95 -10.64 1.61
N THR B 118 10.05 -10.63 2.36
CA THR B 118 10.10 -10.50 3.80
C THR B 118 10.37 -8.98 4.09
N LEU B 119 9.38 -8.27 4.55
CA LEU B 119 9.61 -6.84 4.87
C LEU B 119 10.30 -6.67 6.20
N VAL B 120 11.46 -6.12 6.22
CA VAL B 120 12.38 -6.02 7.35
C VAL B 120 11.91 -4.98 8.39
N ALA B 121 11.13 -3.99 7.94
CA ALA B 121 10.72 -2.89 8.83
C ALA B 121 9.59 -2.23 8.16
N SER B 122 8.81 -1.55 8.97
CA SER B 122 7.79 -0.68 8.45
C SER B 122 8.47 0.38 7.58
N SER B 123 7.79 0.75 6.51
CA SER B 123 8.41 1.63 5.50
C SER B 123 8.86 3.01 6.04
N LEU B 124 9.89 3.56 5.43
CA LEU B 124 10.40 4.89 5.82
C LEU B 124 9.80 5.91 4.91
N LYS B 125 9.00 6.82 5.44
CA LYS B 125 8.32 7.83 4.64
C LYS B 125 8.84 9.19 5.08
N ILE B 126 9.62 9.85 4.30
CA ILE B 126 10.25 11.11 4.62
C ILE B 126 9.37 12.27 4.20
N ASP B 127 9.00 13.12 5.15
CA ASP B 127 8.14 14.28 4.88
C ASP B 127 8.97 15.50 4.74
N GLY B 128 9.20 16.02 3.56
CA GLY B 128 10.08 17.14 3.38
C GLY B 128 11.53 16.77 3.38
N GLU B 129 12.34 17.46 4.17
CA GLU B 129 13.73 17.21 4.26
C GLU B 129 13.95 16.11 5.32
N PRO B 130 14.83 15.15 5.03
CA PRO B 130 14.95 14.04 6.02
C PRO B 130 15.54 14.50 7.29
N ASP B 131 15.11 13.92 8.39
CA ASP B 131 15.83 14.08 9.66
C ASP B 131 16.77 12.94 9.82
N SER B 132 18.02 13.25 10.19
CA SER B 132 19.02 12.22 10.22
C SER B 132 18.61 11.11 11.25
N ALA B 133 17.97 11.44 12.36
CA ALA B 133 17.53 10.44 13.33
C ALA B 133 16.61 9.37 12.77
N GLU B 134 15.65 9.84 11.96
CA GLU B 134 14.66 8.90 11.43
C GLU B 134 15.34 7.98 10.38
N VAL B 135 16.26 8.54 9.57
CA VAL B 135 16.97 7.71 8.59
C VAL B 135 17.89 6.73 9.25
N LEU B 136 18.61 7.19 10.27
CA LEU B 136 19.53 6.33 10.98
C LEU B 136 18.81 5.21 11.74
N ASP B 137 17.69 5.52 12.40
CA ASP B 137 17.04 4.45 13.12
C ASP B 137 16.58 3.41 12.12
N TRP B 138 16.08 3.84 10.92
CA TRP B 138 15.60 2.84 9.91
C TRP B 138 16.77 1.95 9.44
N ALA B 139 17.93 2.61 9.18
CA ALA B 139 19.08 1.79 8.81
C ALA B 139 19.41 0.74 9.92
N ARG B 140 19.30 1.15 11.22
CA ARG B 140 19.52 0.19 12.29
C ARG B 140 18.55 -0.92 12.34
N GLU B 141 17.24 -0.64 12.02
CA GLU B 141 16.27 -1.78 11.88
C GLU B 141 16.66 -2.75 10.85
N VAL B 142 17.08 -2.24 9.67
CA VAL B 142 17.47 -3.16 8.66
C VAL B 142 18.67 -4.01 9.13
N LEU B 143 19.67 -3.39 9.73
CA LEU B 143 20.81 -4.14 10.18
C LEU B 143 20.42 -5.27 11.17
N ALA B 144 19.51 -4.95 12.05
CA ALA B 144 19.08 -5.86 13.14
C ALA B 144 18.33 -7.05 12.61
N ARG B 145 17.77 -6.94 11.42
CA ARG B 145 16.90 -7.95 10.87
C ARG B 145 17.59 -8.83 9.82
N VAL B 146 18.70 -8.39 9.24
CA VAL B 146 19.37 -9.19 8.22
C VAL B 146 20.37 -10.23 8.78
N1 FMN C . -8.13 -0.13 -12.76
C2 FMN C . -6.99 -0.38 -12.13
O2 FMN C . -6.79 -1.48 -11.56
N3 FMN C . -5.99 0.57 -12.15
C4 FMN C . -6.08 1.76 -12.72
O4 FMN C . -5.11 2.59 -12.67
C4A FMN C . -7.30 2.02 -13.41
N5 FMN C . -7.46 3.19 -14.07
C5A FMN C . -8.64 3.44 -14.72
C6 FMN C . -8.85 4.67 -15.41
C7 FMN C . -9.99 4.87 -16.15
C7M FMN C . -10.22 6.19 -16.90
C8 FMN C . -11.03 3.88 -16.17
C8M FMN C . -12.31 4.15 -16.96
C9 FMN C . -10.83 2.71 -15.45
C9A FMN C . -9.66 2.45 -14.75
N10 FMN C . -9.51 1.29 -14.00
C10 FMN C . -8.31 1.02 -13.37
C1' FMN C . -10.52 0.24 -13.99
C2' FMN C . -11.72 0.63 -13.08
O2' FMN C . -11.26 0.53 -11.69
C3' FMN C . -12.77 -0.42 -13.21
O3' FMN C . -13.46 -0.03 -14.44
C4' FMN C . -13.77 -0.54 -12.10
O4' FMN C . -14.72 -1.60 -12.38
C5' FMN C . -14.57 0.67 -11.76
O5' FMN C . -15.29 0.43 -10.54
P FMN C . -16.42 1.40 -10.01
O1P FMN C . -15.92 2.78 -9.94
O2P FMN C . -16.76 0.80 -8.68
O3P FMN C . -17.62 1.25 -11.00
N1 FMN D . 4.72 14.10 -2.29
C2 FMN D . 3.91 13.14 -1.83
O2 FMN D . 4.08 12.67 -0.68
N3 FMN D . 2.81 12.78 -2.56
C4 FMN D . 2.43 13.31 -3.74
O4 FMN D . 1.47 12.87 -4.38
C4A FMN D . 3.34 14.31 -4.28
N5 FMN D . 3.03 14.89 -5.46
C5A FMN D . 3.85 15.86 -5.89
C6 FMN D . 3.53 16.56 -7.08
C7 FMN D . 4.29 17.57 -7.57
C7M FMN D . 3.88 18.36 -8.80
C8 FMN D . 5.43 17.97 -6.81
C8M FMN D . 6.24 19.13 -7.32
C9 FMN D . 5.82 17.30 -5.63
C9A FMN D . 5.00 16.28 -5.14
N10 FMN D . 5.34 15.60 -3.98
C10 FMN D . 4.46 14.65 -3.45
C1' FMN D . 6.52 15.94 -3.21
C2' FMN D . 7.80 15.25 -3.75
O2' FMN D . 7.73 13.80 -3.54
C3' FMN D . 8.96 15.75 -2.93
O3' FMN D . 9.40 17.01 -3.43
C4' FMN D . 10.20 14.83 -2.88
O4' FMN D . 11.15 15.41 -2.02
C5' FMN D . 10.87 14.56 -4.22
O5' FMN D . 11.84 13.50 -4.04
P FMN D . 12.92 13.23 -5.13
O1P FMN D . 12.28 12.95 -6.38
O2P FMN D . 13.67 12.02 -4.56
O3P FMN D . 13.88 14.47 -5.19
#